data_4AJY
#
_entry.id   4AJY
#
_cell.length_a   59.232
_cell.length_b   59.232
_cell.length_c   244.038
_cell.angle_alpha   90.00
_cell.angle_beta   90.00
_cell.angle_gamma   90.00
#
_symmetry.space_group_name_H-M   'P 43 21 2'
#
loop_
_entity.id
_entity.type
_entity.pdbx_description
1 polymer 'TRANSCRIPTION ELONGATION FACTOR B POLYPEPTIDE 2'
2 polymer 'TRANSCRIPTION ELONGATION FACTOR B POLYPEPTIDE 1'
3 polymer 'HYPOXIA-INDUCIBLE FACTOR 1-ALPHA'
4 polymer 'VON HIPPEL-LINDAU DISEASE TUMOR SUPPRESSOR'
5 non-polymer GLYCEROL
6 water water
#
loop_
_entity_poly.entity_id
_entity_poly.type
_entity_poly.pdbx_seq_one_letter_code
_entity_poly.pdbx_strand_id
1 'polypeptide(L)'
;MDVFLMIRRHKTTIFTDAKESSTVFELKRIVEGILKRPPDEQRLYKDDQLLDDGKTLGECGFTSQTARPQAPATVGLAFR
ADDTFEALCIEPFSSPPELPDVMKPQDSGSSANEQAVQ
;
B
2 'polypeptide(L)'
;MMYVKLISSDGHEFIVKREHALTSGTIKAMLSGPGQFAENETNEVNFREIPSHVLSKVCMYFTYKVRYTNSSTEIPEFPI
APEIALELLMAANFLDC
;
C
3 'polypeptide(L)' DEALA(HYP)YIPMDDDFQLRSF H
4 'polypeptide(L)'
;GSHMEAGRPRPVLRSVNSREPSQVIFCNRSPRVVLPVWLNFDGEPQPYPTLPPGTGRRIHSYRGHLWLFRDAGTHDGLLV
NQTELFVPSLNVDGQPIFANITLPVYTLKERCLQVVRSLVKPENYRRLDIVRSLYEDLEDHPNVQKDLERLTQERIAHQR
MGD
;
V
#
loop_
_chem_comp.id
_chem_comp.type
_chem_comp.name
_chem_comp.formula
GOL non-polymer GLYCEROL 'C3 H8 O3'
#
# COMPACT_ATOMS: atom_id res chain seq x y z
N MET A 1 2.25 0.26 -18.82
CA MET A 1 2.71 1.19 -17.71
C MET A 1 4.10 0.59 -17.26
N ASP A 2 4.43 0.73 -16.00
CA ASP A 2 5.61 0.10 -15.40
C ASP A 2 5.25 -1.27 -14.89
N VAL A 3 6.20 -2.20 -14.88
CA VAL A 3 6.03 -3.48 -14.21
C VAL A 3 7.04 -3.48 -13.08
N PHE A 4 6.65 -4.06 -11.94
CA PHE A 4 7.49 -4.13 -10.78
C PHE A 4 7.94 -5.56 -10.59
N LEU A 5 9.27 -5.71 -10.44
CA LEU A 5 9.88 -7.04 -10.54
C LEU A 5 10.75 -7.36 -9.34
N MET A 6 11.03 -8.64 -9.18
CA MET A 6 12.08 -9.15 -8.28
C MET A 6 12.92 -10.05 -9.20
N ILE A 7 14.18 -9.65 -9.40
CA ILE A 7 15.07 -10.44 -10.24
C ILE A 7 15.92 -11.27 -9.26
N ARG A 8 15.78 -12.61 -9.36
CA ARG A 8 16.24 -13.51 -8.30
C ARG A 8 17.22 -14.54 -8.79
N ARG A 9 18.33 -14.65 -8.05
CA ARG A 9 19.33 -15.71 -8.37
C ARG A 9 19.89 -16.14 -7.07
N HIS A 10 19.85 -17.47 -6.77
CA HIS A 10 20.47 -17.96 -5.52
C HIS A 10 19.87 -17.23 -4.34
N LYS A 11 20.70 -16.53 -3.58
CA LYS A 11 20.22 -15.70 -2.45
C LYS A 11 20.26 -14.19 -2.67
N THR A 12 20.11 -13.77 -3.93
CA THR A 12 20.10 -12.33 -4.30
C THR A 12 18.72 -12.09 -4.91
N THR A 13 18.14 -10.97 -4.49
CA THR A 13 16.89 -10.49 -5.04
C THR A 13 17.01 -9.03 -5.29
N ILE A 14 16.86 -8.64 -6.56
CA ILE A 14 16.88 -7.22 -6.94
C ILE A 14 15.43 -6.76 -7.15
N PHE A 15 15.02 -5.76 -6.38
CA PHE A 15 13.77 -5.05 -6.67
C PHE A 15 13.99 -3.94 -7.64
N THR A 16 13.28 -4.02 -8.75
CA THR A 16 13.39 -2.98 -9.71
C THR A 16 12.12 -2.84 -10.50
N ASP A 17 11.97 -1.72 -11.19
CA ASP A 17 10.85 -1.57 -12.08
C ASP A 17 11.38 -1.23 -13.45
N ALA A 18 10.53 -1.40 -14.45
CA ALA A 18 10.90 -1.14 -15.79
C ALA A 18 9.64 -0.92 -16.59
N LYS A 19 9.75 -0.26 -17.71
CA LYS A 19 8.54 -0.14 -18.54
C LYS A 19 8.16 -1.40 -19.16
N GLU A 20 6.84 -1.60 -19.26
CA GLU A 20 6.34 -2.72 -19.97
C GLU A 20 6.88 -2.78 -21.42
N SER A 21 7.11 -1.64 -22.06
CA SER A 21 7.60 -1.57 -23.46
C SER A 21 9.10 -1.76 -23.53
N SER A 22 9.76 -1.86 -22.38
CA SER A 22 11.25 -2.05 -22.44
C SER A 22 11.56 -3.48 -22.72
N THR A 23 12.80 -3.74 -23.16
CA THR A 23 13.12 -5.10 -23.62
C THR A 23 13.86 -5.90 -22.51
N VAL A 24 13.84 -7.22 -22.74
CA VAL A 24 14.63 -8.15 -21.95
C VAL A 24 16.09 -7.68 -21.94
N PHE A 25 16.58 -7.26 -23.12
CA PHE A 25 18.01 -6.79 -23.16
C PHE A 25 18.23 -5.57 -22.28
N GLU A 26 17.28 -4.63 -22.34
CA GLU A 26 17.41 -3.50 -21.43
C GLU A 26 17.32 -3.88 -19.97
N LEU A 27 16.56 -4.94 -19.63
CA LEU A 27 16.59 -5.39 -18.23
C LEU A 27 17.95 -6.01 -17.83
N LYS A 28 18.53 -6.77 -18.79
CA LYS A 28 19.89 -7.26 -18.57
C LYS A 28 20.91 -6.11 -18.34
N ARG A 29 20.71 -4.97 -19.03
CA ARG A 29 21.54 -3.78 -18.78
C ARG A 29 21.39 -3.29 -17.33
N ILE A 30 20.14 -3.32 -16.78
CA ILE A 30 19.91 -2.95 -15.40
C ILE A 30 20.64 -3.92 -14.50
N VAL A 31 20.51 -5.21 -14.79
CA VAL A 31 21.16 -6.24 -14.02
C VAL A 31 22.73 -6.10 -14.08
N GLU A 32 23.22 -5.76 -15.27
CA GLU A 32 24.67 -5.58 -15.44
C GLU A 32 25.18 -4.44 -14.60
N GLY A 33 24.43 -3.36 -14.45
CA GLY A 33 24.89 -2.25 -13.64
C GLY A 33 25.03 -2.71 -12.19
N ILE A 34 24.14 -3.60 -11.76
CA ILE A 34 24.16 -4.05 -10.32
C ILE A 34 25.08 -5.20 -10.03
N LEU A 35 25.10 -6.23 -10.87
CA LEU A 35 25.79 -7.45 -10.56
C LEU A 35 27.09 -7.65 -11.41
N LYS A 36 27.31 -6.76 -12.37
CA LYS A 36 28.59 -6.62 -13.15
C LYS A 36 28.84 -7.81 -14.02
N ARG A 37 27.78 -8.37 -14.58
CA ARG A 37 27.93 -9.40 -15.64
C ARG A 37 27.12 -8.87 -16.86
N PRO A 38 27.72 -8.94 -18.03
CA PRO A 38 27.16 -8.39 -19.25
C PRO A 38 25.98 -9.23 -19.75
N PRO A 39 25.17 -8.63 -20.63
CA PRO A 39 23.97 -9.26 -21.05
C PRO A 39 24.21 -10.61 -21.69
N ASP A 40 25.37 -10.76 -22.37
CA ASP A 40 25.61 -12.05 -23.06
C ASP A 40 26.08 -13.16 -22.13
N GLU A 41 26.19 -12.85 -20.82
CA GLU A 41 26.46 -13.81 -19.78
C GLU A 41 25.27 -14.02 -18.81
N GLN A 42 24.11 -13.44 -19.15
CA GLN A 42 22.86 -13.56 -18.31
C GLN A 42 21.78 -14.33 -19.03
N ARG A 43 20.95 -15.02 -18.25
CA ARG A 43 19.82 -15.71 -18.75
C ARG A 43 18.72 -15.21 -17.83
N LEU A 44 17.69 -14.64 -18.41
CA LEU A 44 16.55 -14.23 -17.56
C LEU A 44 15.37 -15.12 -17.90
N TYR A 45 14.52 -15.37 -16.90
CA TYR A 45 13.47 -16.34 -17.06
C TYR A 45 12.14 -15.82 -16.54
N LYS A 46 11.06 -16.24 -17.16
CA LYS A 46 9.73 -16.14 -16.48
C LYS A 46 9.33 -17.59 -16.23
N ASP A 47 9.23 -18.00 -14.95
CA ASP A 47 9.11 -19.38 -14.56
C ASP A 47 10.29 -20.17 -15.20
N ASP A 48 10.00 -21.21 -15.99
CA ASP A 48 11.11 -21.91 -16.63
C ASP A 48 11.35 -21.47 -18.08
N GLN A 49 10.78 -20.37 -18.51
CA GLN A 49 10.91 -19.99 -19.87
C GLN A 49 12.06 -18.95 -20.04
N LEU A 50 13.09 -19.29 -20.80
CA LEU A 50 14.16 -18.31 -21.09
C LEU A 50 13.59 -17.19 -21.93
N LEU A 51 13.89 -15.96 -21.53
CA LEU A 51 13.39 -14.80 -22.23
C LEU A 51 14.34 -14.31 -23.32
N ASP A 52 13.82 -14.15 -24.51
CA ASP A 52 14.60 -13.61 -25.65
CA ASP A 52 14.60 -13.62 -25.64
C ASP A 52 14.92 -12.13 -25.47
N ASP A 53 16.19 -11.76 -25.63
CA ASP A 53 16.74 -10.39 -25.51
C ASP A 53 15.84 -9.38 -26.20
N GLY A 54 15.30 -9.78 -27.36
CA GLY A 54 14.64 -8.81 -28.22
C GLY A 54 13.19 -8.52 -27.86
N LYS A 55 12.61 -9.32 -26.97
CA LYS A 55 11.17 -9.20 -26.66
C LYS A 55 10.97 -8.14 -25.63
N THR A 56 9.81 -7.47 -25.66
CA THR A 56 9.57 -6.47 -24.57
C THR A 56 9.10 -7.24 -23.29
N LEU A 57 9.13 -6.63 -22.12
CA LEU A 57 8.62 -7.33 -20.91
C LEU A 57 7.10 -7.68 -21.11
N GLY A 58 6.32 -6.79 -21.71
CA GLY A 58 4.92 -7.07 -21.99
C GLY A 58 4.77 -8.29 -22.86
N GLU A 59 5.56 -8.36 -23.93
CA GLU A 59 5.51 -9.51 -24.82
C GLU A 59 5.90 -10.81 -24.05
N CYS A 60 6.67 -10.67 -22.99
CA CYS A 60 7.05 -11.88 -22.19
C CYS A 60 5.99 -12.24 -21.18
N GLY A 61 4.94 -11.43 -21.08
CA GLY A 61 3.87 -11.63 -20.12
C GLY A 61 3.95 -10.86 -18.84
N PHE A 62 4.86 -9.91 -18.73
CA PHE A 62 4.88 -9.08 -17.54
C PHE A 62 4.03 -7.84 -17.83
N THR A 63 2.87 -7.73 -17.17
CA THR A 63 2.03 -6.57 -17.46
C THR A 63 1.80 -5.83 -16.19
N SER A 64 1.65 -4.50 -16.33
CA SER A 64 1.38 -3.65 -15.20
CA SER A 64 1.37 -3.65 -15.19
C SER A 64 0.35 -4.27 -14.23
N GLN A 65 -0.73 -4.84 -14.76
CA GLN A 65 -1.79 -5.30 -13.83
C GLN A 65 -1.34 -6.43 -12.92
N THR A 66 -0.46 -7.26 -13.43
CA THR A 66 0.05 -8.45 -12.72
C THR A 66 1.53 -8.38 -12.23
N ALA A 67 2.13 -7.21 -12.25
CA ALA A 67 3.48 -7.07 -11.71
C ALA A 67 3.42 -5.71 -11.01
N ARG A 68 2.76 -5.73 -9.84
CA ARG A 68 2.46 -4.52 -9.10
C ARG A 68 3.48 -4.28 -7.96
N PRO A 69 3.54 -3.04 -7.49
CA PRO A 69 4.58 -2.75 -6.53
C PRO A 69 4.50 -3.63 -5.29
N GLN A 70 3.27 -3.91 -4.81
CA GLN A 70 3.11 -4.62 -3.56
C GLN A 70 3.17 -6.14 -3.77
N ALA A 71 3.23 -6.56 -5.03
CA ALA A 71 3.26 -8.02 -5.39
C ALA A 71 3.99 -8.15 -6.70
N PRO A 72 5.28 -7.83 -6.67
CA PRO A 72 6.10 -7.90 -7.90
C PRO A 72 6.26 -9.28 -8.52
N ALA A 73 6.37 -9.27 -9.85
CA ALA A 73 6.56 -10.49 -10.62
C ALA A 73 8.04 -10.92 -10.46
N THR A 74 8.25 -12.21 -10.33
CA THR A 74 9.63 -12.77 -10.23
C THR A 74 10.23 -13.06 -11.64
N VAL A 75 11.45 -12.57 -11.81
CA VAL A 75 12.25 -12.85 -13.03
C VAL A 75 13.39 -13.70 -12.50
N GLY A 76 13.57 -14.90 -13.05
CA GLY A 76 14.69 -15.69 -12.60
C GLY A 76 15.96 -15.25 -13.37
N LEU A 77 17.11 -15.38 -12.72
CA LEU A 77 18.40 -14.94 -13.30
C LEU A 77 19.36 -16.13 -13.15
N ALA A 78 20.07 -16.45 -14.25
CA ALA A 78 21.21 -17.39 -14.17
C ALA A 78 22.39 -16.76 -14.92
N PHE A 79 23.61 -17.15 -14.53
CA PHE A 79 24.80 -16.63 -15.25
C PHE A 79 25.45 -17.75 -16.06
N ARG A 80 26.11 -17.38 -17.16
CA ARG A 80 26.90 -18.33 -17.98
C ARG A 80 28.29 -18.44 -17.41
N ALA A 81 28.87 -19.65 -17.54
CA ALA A 81 30.32 -19.90 -17.34
C ALA A 81 31.00 -20.37 -18.67
N ASP A 82 32.33 -20.28 -18.76
CA ASP A 82 33.03 -20.66 -19.99
C ASP A 82 32.82 -22.12 -20.45
N ASP A 83 32.57 -23.01 -19.49
CA ASP A 83 32.52 -24.46 -19.76
C ASP A 83 31.62 -25.23 -18.82
N THR A 84 30.77 -24.54 -18.04
CA THR A 84 29.76 -25.30 -17.24
C THR A 84 28.38 -24.70 -17.53
N PHE A 85 27.34 -25.39 -17.09
CA PHE A 85 25.99 -24.89 -17.21
C PHE A 85 25.40 -24.70 -15.81
N GLU A 86 24.95 -23.49 -15.48
CA GLU A 86 24.40 -23.22 -14.13
C GLU A 86 22.89 -23.42 -14.18
N ALA A 87 22.34 -24.38 -13.42
CA ALA A 87 20.89 -24.58 -13.44
C ALA A 87 20.30 -23.21 -12.84
N LEU A 88 19.15 -22.75 -13.35
CA LEU A 88 18.44 -21.63 -12.69
C LEU A 88 18.15 -22.16 -11.30
N CYS A 89 18.41 -21.35 -10.28
CA CYS A 89 18.20 -21.79 -8.91
C CYS A 89 17.88 -20.53 -8.07
N ILE A 90 16.69 -20.50 -7.50
CA ILE A 90 16.26 -19.39 -6.63
C ILE A 90 16.04 -20.01 -5.23
N GLU A 91 16.80 -19.59 -4.25
CA GLU A 91 16.68 -20.13 -2.87
C GLU A 91 15.41 -19.54 -2.28
N PRO A 92 14.57 -20.44 -1.70
CA PRO A 92 13.33 -19.89 -1.07
C PRO A 92 13.68 -18.99 0.10
N PHE A 93 12.77 -18.05 0.40
CA PHE A 93 12.85 -17.33 1.66
C PHE A 93 12.54 -18.26 2.84
N SER A 94 12.70 -17.72 4.03
CA SER A 94 12.37 -18.43 5.30
C SER A 94 10.86 -18.60 5.42
N SER A 95 10.47 -19.44 6.37
CA SER A 95 9.04 -19.65 6.68
C SER A 95 8.63 -19.06 7.97
N PRO A 96 7.40 -18.51 8.05
CA PRO A 96 6.98 -17.93 9.29
C PRO A 96 6.72 -19.02 10.32
N PRO A 97 6.69 -18.68 11.64
CA PRO A 97 6.24 -19.63 12.60
C PRO A 97 4.70 -19.82 12.53
N GLU A 98 4.20 -20.72 13.40
CA GLU A 98 2.78 -20.98 13.46
C GLU A 98 1.99 -19.74 13.91
N LEU A 99 0.89 -19.48 13.24
CA LEU A 99 -0.01 -18.43 13.67
C LEU A 99 -0.44 -18.69 15.10
N PRO A 100 -0.26 -17.71 15.99
CA PRO A 100 -0.58 -17.81 17.43
C PRO A 100 -2.04 -18.08 17.65
N ASP A 101 -2.36 -18.84 18.71
CA ASP A 101 -3.72 -19.27 18.91
C ASP A 101 -4.68 -18.10 18.93
N VAL A 102 -4.22 -17.03 19.55
CA VAL A 102 -5.01 -15.80 19.73
C VAL A 102 -5.27 -15.04 18.40
N MET A 103 -4.61 -15.47 17.32
CA MET A 103 -4.87 -14.87 15.99
C MET A 103 -5.61 -15.83 15.08
N LYS A 104 -5.93 -17.00 15.57
CA LYS A 104 -6.58 -17.98 14.70
C LYS A 104 -8.08 -17.76 14.72
N PRO A 105 -8.77 -18.01 13.58
CA PRO A 105 -10.22 -18.21 13.61
C PRO A 105 -10.70 -19.18 14.71
N MET B 2 22.42 5.19 -5.65
CA MET B 2 21.79 4.34 -6.69
C MET B 2 21.05 3.17 -6.01
N TYR B 3 21.73 2.07 -5.62
CA TYR B 3 21.06 0.92 -4.92
C TYR B 3 21.66 0.68 -3.58
N VAL B 4 20.92 0.05 -2.65
CA VAL B 4 21.47 -0.36 -1.37
C VAL B 4 21.15 -1.84 -1.19
N LYS B 5 22.00 -2.55 -0.45
CA LYS B 5 21.83 -3.99 -0.30
C LYS B 5 21.47 -4.26 1.15
N LEU B 6 20.28 -4.87 1.37
CA LEU B 6 19.86 -5.14 2.77
C LEU B 6 20.04 -6.62 3.04
N ILE B 7 20.63 -7.01 4.19
CA ILE B 7 20.86 -8.46 4.40
C ILE B 7 19.99 -9.00 5.49
N SER B 8 19.31 -10.10 5.22
CA SER B 8 18.37 -10.62 6.22
C SER B 8 19.07 -11.68 7.06
N SER B 9 18.33 -12.16 8.04
CA SER B 9 18.94 -13.02 9.04
C SER B 9 19.44 -14.30 8.46
N ASP B 10 18.80 -14.85 7.43
CA ASP B 10 19.27 -16.07 6.84
C ASP B 10 20.22 -15.81 5.66
N GLY B 11 20.68 -14.58 5.53
CA GLY B 11 21.67 -14.24 4.49
C GLY B 11 21.12 -13.99 3.08
N HIS B 12 19.81 -13.88 2.95
CA HIS B 12 19.27 -13.39 1.68
C HIS B 12 19.66 -11.94 1.53
N GLU B 13 20.02 -11.56 0.33
CA GLU B 13 20.44 -10.16 -0.01
C GLU B 13 19.34 -9.51 -0.86
N PHE B 14 18.90 -8.33 -0.46
CA PHE B 14 17.86 -7.62 -1.18
C PHE B 14 18.44 -6.30 -1.64
N ILE B 15 18.42 -6.15 -2.96
CA ILE B 15 19.06 -4.95 -3.59
C ILE B 15 17.89 -4.08 -4.05
N VAL B 16 17.79 -2.91 -3.47
CA VAL B 16 16.69 -2.02 -3.71
C VAL B 16 17.22 -0.60 -4.02
N LYS B 17 16.46 0.14 -4.84
CA LYS B 17 16.85 1.56 -5.03
C LYS B 17 17.02 2.33 -3.74
N ARG B 18 18.13 3.11 -3.71
CA ARG B 18 18.39 3.85 -2.53
C ARG B 18 17.22 4.78 -2.16
N GLU B 19 16.60 5.45 -3.15
CA GLU B 19 15.46 6.36 -2.87
C GLU B 19 14.34 5.57 -2.18
N HIS B 20 14.15 4.31 -2.61
CA HIS B 20 13.06 3.45 -2.03
C HIS B 20 13.36 3.07 -0.59
N ALA B 21 14.63 2.74 -0.32
CA ALA B 21 15.07 2.34 0.99
C ALA B 21 14.92 3.50 1.96
N LEU B 22 14.98 4.75 1.49
CA LEU B 22 14.79 5.91 2.41
C LEU B 22 13.36 6.07 2.88
N THR B 23 12.43 5.26 2.36
CA THR B 23 11.08 5.17 2.95
C THR B 23 11.14 4.78 4.43
N SER B 24 12.17 3.99 4.80
CA SER B 24 12.41 3.58 6.17
C SER B 24 13.10 4.75 6.89
N GLY B 25 12.45 5.28 7.94
CA GLY B 25 13.09 6.43 8.71
C GLY B 25 14.39 5.92 9.29
N THR B 26 14.41 4.65 9.70
CA THR B 26 15.64 4.04 10.25
C THR B 26 16.79 4.06 9.21
N ILE B 27 16.49 3.55 8.01
CA ILE B 27 17.53 3.53 7.00
C ILE B 27 17.89 4.97 6.62
N LYS B 28 16.89 5.84 6.42
CA LYS B 28 17.14 7.23 6.02
C LYS B 28 18.16 7.91 7.00
N ALA B 29 17.94 7.75 8.29
CA ALA B 29 18.88 8.37 9.24
C ALA B 29 20.27 7.74 9.18
N MET B 30 20.32 6.45 8.93
CA MET B 30 21.65 5.80 8.80
C MET B 30 22.42 6.30 7.59
N LEU B 31 21.77 6.53 6.46
CA LEU B 31 22.48 6.86 5.22
C LEU B 31 22.51 8.36 4.91
N SER B 32 22.02 9.16 5.83
CA SER B 32 21.89 10.64 5.83
C SER B 32 23.14 11.51 5.96
N GLY B 33 24.35 10.96 5.89
CA GLY B 33 25.57 11.73 6.20
C GLY B 33 26.02 12.59 5.01
N PRO B 34 27.04 13.43 5.23
CA PRO B 34 27.58 14.46 4.32
C PRO B 34 28.25 13.82 3.09
N ASN B 43 25.82 0.45 -1.20
CA ASN B 43 26.00 0.51 0.25
C ASN B 43 25.30 -0.71 0.84
N GLU B 44 25.83 -1.27 1.91
CA GLU B 44 25.20 -2.46 2.42
C GLU B 44 24.78 -2.30 3.86
N VAL B 45 23.59 -2.81 4.22
CA VAL B 45 23.08 -2.69 5.56
C VAL B 45 22.66 -4.05 6.06
N ASN B 46 23.15 -4.37 7.26
CA ASN B 46 22.88 -5.65 7.81
C ASN B 46 21.66 -5.61 8.67
N PHE B 47 20.66 -6.45 8.34
CA PHE B 47 19.45 -6.49 9.12
C PHE B 47 19.24 -7.92 9.54
N ARG B 48 20.24 -8.44 10.24
CA ARG B 48 20.33 -9.82 10.74
C ARG B 48 19.24 -10.19 11.77
N GLU B 49 18.47 -9.24 12.24
CA GLU B 49 17.34 -9.49 13.18
C GLU B 49 16.03 -9.74 12.36
N ILE B 50 16.08 -9.54 11.05
CA ILE B 50 14.83 -9.65 10.21
C ILE B 50 14.90 -10.84 9.28
N PRO B 51 13.94 -11.79 9.33
CA PRO B 51 14.12 -12.93 8.46
C PRO B 51 13.75 -12.59 7.02
N SER B 52 14.21 -13.35 6.06
CA SER B 52 13.89 -13.05 4.68
C SER B 52 12.40 -13.04 4.31
N HIS B 53 11.56 -13.87 4.91
CA HIS B 53 10.13 -13.72 4.59
C HIS B 53 9.50 -12.43 5.04
N VAL B 54 10.15 -11.73 5.95
CA VAL B 54 9.70 -10.44 6.38
C VAL B 54 10.36 -9.33 5.61
N LEU B 55 11.68 -9.42 5.46
CA LEU B 55 12.40 -8.32 4.77
C LEU B 55 12.02 -8.19 3.27
N SER B 56 11.67 -9.30 2.62
CA SER B 56 11.21 -9.21 1.24
C SER B 56 9.90 -8.39 1.22
N LYS B 57 9.01 -8.62 2.18
CA LYS B 57 7.75 -7.83 2.21
C LYS B 57 8.00 -6.34 2.53
N VAL B 58 8.94 -6.07 3.43
CA VAL B 58 9.32 -4.65 3.72
C VAL B 58 9.83 -3.95 2.41
N CYS B 59 10.61 -4.66 1.60
CA CYS B 59 11.08 -4.07 0.37
C CYS B 59 9.91 -3.83 -0.60
N MET B 60 8.96 -4.74 -0.63
CA MET B 60 7.75 -4.50 -1.49
C MET B 60 7.01 -3.25 -0.98
N TYR B 61 6.98 -3.06 0.32
CA TYR B 61 6.33 -1.87 0.91
C TYR B 61 7.04 -0.62 0.41
N PHE B 62 8.37 -0.63 0.43
CA PHE B 62 9.10 0.54 -0.12
C PHE B 62 8.63 0.88 -1.53
N THR B 63 8.56 -0.12 -2.41
CA THR B 63 8.11 0.12 -3.80
C THR B 63 6.72 0.68 -3.85
N TYR B 64 5.89 0.10 -3.02
CA TYR B 64 4.46 0.50 -2.99
C TYR B 64 4.35 1.93 -2.44
N LYS B 65 5.04 2.27 -1.35
CA LYS B 65 4.97 3.65 -0.84
C LYS B 65 5.45 4.65 -1.89
N VAL B 66 6.55 4.35 -2.55
CA VAL B 66 7.06 5.33 -3.48
C VAL B 66 6.12 5.46 -4.72
N ARG B 67 5.59 4.35 -5.20
CA ARG B 67 4.64 4.41 -6.35
C ARG B 67 3.37 5.16 -6.03
N TYR B 68 2.79 4.89 -4.85
CA TYR B 68 1.42 5.33 -4.61
C TYR B 68 1.33 6.64 -3.80
N THR B 69 2.40 7.05 -3.15
CA THR B 69 2.30 8.30 -2.44
C THR B 69 2.14 9.47 -3.48
N ASN B 70 1.28 10.42 -3.18
CA ASN B 70 1.01 11.54 -4.14
C ASN B 70 0.36 11.09 -5.41
N SER B 71 -0.25 9.92 -5.43
CA SER B 71 -0.83 9.43 -6.68
C SER B 71 -2.32 9.63 -6.56
N SER B 72 -2.97 9.86 -7.71
CA SER B 72 -4.40 10.04 -7.64
C SER B 72 -5.11 8.80 -8.18
N THR B 73 -4.36 7.73 -8.39
CA THR B 73 -4.97 6.47 -8.85
CA THR B 73 -4.90 6.45 -8.82
C THR B 73 -5.65 5.73 -7.70
N GLU B 74 -6.41 4.70 -8.05
CA GLU B 74 -6.97 3.89 -7.03
C GLU B 74 -5.74 3.19 -6.40
N ILE B 75 -5.64 3.18 -5.09
CA ILE B 75 -4.54 2.55 -4.39
C ILE B 75 -4.98 1.13 -3.97
N PRO B 76 -4.21 0.07 -4.37
CA PRO B 76 -4.56 -1.27 -3.92
C PRO B 76 -4.15 -1.52 -2.51
N GLU B 77 -4.80 -2.43 -1.82
CA GLU B 77 -4.42 -2.75 -0.46
C GLU B 77 -3.00 -3.31 -0.42
N PHE B 78 -2.23 -2.94 0.60
CA PHE B 78 -0.97 -3.67 0.80
C PHE B 78 -1.27 -4.97 1.52
N PRO B 79 -0.95 -6.10 0.88
CA PRO B 79 -1.43 -7.37 1.43
C PRO B 79 -0.47 -7.92 2.47
N ILE B 80 -1.04 -8.37 3.58
CA ILE B 80 -0.23 -9.02 4.61
C ILE B 80 -0.91 -10.33 5.09
N ALA B 81 -0.22 -11.44 4.91
CA ALA B 81 -0.77 -12.76 5.33
C ALA B 81 -0.78 -12.74 6.86
N PRO B 82 -1.84 -13.26 7.51
CA PRO B 82 -1.88 -13.28 8.99
C PRO B 82 -0.59 -13.85 9.59
N GLU B 83 -0.01 -14.89 9.02
CA GLU B 83 1.12 -15.50 9.68
C GLU B 83 2.43 -14.71 9.62
N ILE B 84 2.49 -13.67 8.78
CA ILE B 84 3.66 -12.81 8.88
C ILE B 84 3.39 -11.49 9.59
N ALA B 85 2.12 -11.27 10.02
CA ALA B 85 1.76 -9.95 10.53
C ALA B 85 2.55 -9.50 11.77
N LEU B 86 2.74 -10.37 12.77
CA LEU B 86 3.44 -9.95 13.96
C LEU B 86 4.89 -9.59 13.70
N GLU B 87 5.63 -10.42 12.97
CA GLU B 87 7.00 -10.09 12.68
C GLU B 87 7.11 -8.86 11.78
N LEU B 88 6.20 -8.70 10.82
CA LEU B 88 6.23 -7.53 9.96
C LEU B 88 5.93 -6.24 10.74
N LEU B 89 5.07 -6.37 11.73
CA LEU B 89 4.79 -5.25 12.59
C LEU B 89 6.04 -4.85 13.39
N MET B 90 6.74 -5.82 13.94
CA MET B 90 7.95 -5.51 14.67
C MET B 90 9.03 -4.91 13.70
N ALA B 91 9.12 -5.45 12.45
CA ALA B 91 10.07 -4.86 11.51
C ALA B 91 9.68 -3.44 11.18
N ALA B 92 8.38 -3.20 10.90
CA ALA B 92 7.97 -1.87 10.51
C ALA B 92 8.27 -0.88 11.65
N ASN B 93 8.00 -1.35 12.85
CA ASN B 93 8.24 -0.50 14.06
C ASN B 93 9.77 -0.13 14.17
N PHE B 94 10.58 -1.15 13.99
CA PHE B 94 12.07 -1.07 14.11
C PHE B 94 12.59 -0.18 12.95
N LEU B 95 12.03 -0.39 11.79
CA LEU B 95 12.42 0.35 10.59
C LEU B 95 11.82 1.75 10.46
N ASP B 96 10.84 2.09 11.30
CA ASP B 96 10.10 3.32 11.18
C ASP B 96 9.52 3.58 9.77
N CYS B 97 8.61 2.71 9.33
CA CYS B 97 8.02 2.97 8.04
C CYS B 97 6.57 2.43 8.08
N GLU C 2 -35.08 26.08 7.80
CA GLU C 2 -35.05 24.71 8.42
C GLU C 2 -33.73 24.02 8.02
N ALA C 3 -33.29 23.09 8.84
CA ALA C 3 -32.00 22.46 8.57
C ALA C 3 -32.25 21.34 7.54
N LEU C 4 -31.54 21.32 6.41
CA LEU C 4 -31.74 20.29 5.40
C LEU C 4 -30.50 19.37 5.28
N ALA C 5 -30.68 18.12 5.69
CA ALA C 5 -29.57 17.15 5.79
C ALA C 5 -29.57 16.37 4.49
N HYP C 6 -28.25 15.77 4.09
CA HYP C 6 -28.34 14.86 2.94
C HYP C 6 -29.24 13.66 3.03
O HYP C 6 -29.65 13.23 4.14
CB HYP C 6 -26.88 14.39 2.84
CG HYP C 6 -26.08 15.48 3.61
CD HYP C 6 -26.97 15.89 4.80
OD1 HYP C 6 -25.75 16.60 2.77
N TYR C 7 -29.59 13.21 1.70
CA TYR C 7 -30.42 11.94 1.69
C TYR C 7 -30.09 11.22 0.42
N ILE C 8 -30.53 9.98 0.35
CA ILE C 8 -30.15 9.17 -0.77
C ILE C 8 -31.41 8.82 -1.54
N PRO C 9 -31.46 9.13 -2.84
CA PRO C 9 -32.61 8.74 -3.68
C PRO C 9 -32.71 7.23 -3.77
N MET C 10 -33.93 6.66 -3.74
CA MET C 10 -34.12 5.23 -3.99
C MET C 10 -33.63 5.02 -5.43
N ASP C 11 -32.61 4.19 -5.58
CA ASP C 11 -31.95 3.99 -6.86
C ASP C 11 -31.02 2.83 -6.64
N ASP C 12 -30.71 2.09 -7.69
CA ASP C 12 -29.71 1.04 -7.55
C ASP C 12 -28.32 1.72 -7.45
N ASP C 13 -27.46 1.15 -6.62
CA ASP C 13 -26.02 1.35 -6.76
C ASP C 13 -25.52 0.84 -8.09
N PHE C 14 -24.36 1.32 -8.48
CA PHE C 14 -23.81 0.83 -9.71
C PHE C 14 -22.42 0.32 -9.43
N GLN C 15 -21.95 -0.58 -10.30
CA GLN C 15 -20.66 -1.18 -10.18
C GLN C 15 -19.62 -0.26 -10.84
N LEU C 16 -18.42 -0.14 -10.23
CA LEU C 16 -17.31 0.61 -10.86
C LEU C 16 -16.47 -0.43 -11.54
N ARG D 10 -20.84 26.32 15.44
CA ARG D 10 -19.60 27.13 15.47
C ARG D 10 -18.27 26.35 15.68
N PRO D 11 -18.28 24.99 15.67
CA PRO D 11 -16.93 24.41 15.58
C PRO D 11 -16.34 24.74 14.21
N VAL D 12 -15.05 24.58 14.06
CA VAL D 12 -14.41 25.02 12.80
C VAL D 12 -14.82 24.07 11.69
N LEU D 13 -14.78 22.76 11.97
CA LEU D 13 -15.31 21.74 10.99
C LEU D 13 -16.81 21.41 11.17
N ARG D 14 -17.62 21.88 10.25
CA ARG D 14 -19.08 21.68 10.31
C ARG D 14 -19.65 21.93 8.90
N SER D 15 -20.80 21.31 8.60
CA SER D 15 -21.53 21.72 7.37
C SER D 15 -22.23 23.09 7.64
N VAL D 16 -22.42 23.83 6.57
CA VAL D 16 -23.19 25.09 6.62
C VAL D 16 -24.54 24.71 6.09
N ASN D 17 -25.61 25.23 6.71
CA ASN D 17 -26.93 24.99 6.19
C ASN D 17 -27.29 25.84 5.00
N SER D 18 -26.60 25.60 3.90
CA SER D 18 -26.80 26.35 2.67
C SER D 18 -28.19 26.16 2.05
N ARG D 19 -28.80 25.00 2.28
CA ARG D 19 -30.09 24.60 1.64
C ARG D 19 -29.99 24.68 0.12
N GLU D 20 -28.77 24.71 -0.41
CA GLU D 20 -28.63 24.66 -1.89
C GLU D 20 -28.23 23.26 -2.36
N PRO D 21 -29.13 22.55 -3.04
CA PRO D 21 -28.87 21.16 -3.50
C PRO D 21 -27.61 20.98 -4.34
N SER D 22 -26.89 19.87 -4.08
CA SER D 22 -25.75 19.50 -4.90
C SER D 22 -25.79 18.01 -4.97
N GLN D 23 -25.95 17.50 -6.20
CA GLN D 23 -25.97 16.06 -6.42
C GLN D 23 -24.47 15.63 -6.45
N VAL D 24 -24.20 14.59 -5.69
CA VAL D 24 -22.89 14.00 -5.57
C VAL D 24 -22.94 12.51 -5.90
N ILE D 25 -21.81 11.94 -6.36
CA ILE D 25 -21.75 10.50 -6.61
C ILE D 25 -20.59 10.01 -5.74
N PHE D 26 -20.92 9.19 -4.73
CA PHE D 26 -19.86 8.52 -3.90
C PHE D 26 -19.36 7.36 -4.72
N CYS D 27 -18.03 7.32 -5.00
CA CYS D 27 -17.47 6.17 -5.76
C CYS D 27 -16.46 5.48 -4.87
N ASN D 28 -16.80 4.27 -4.41
CA ASN D 28 -15.91 3.55 -3.50
C ASN D 28 -14.86 2.78 -4.24
N ARG D 29 -13.71 3.44 -4.44
CA ARG D 29 -12.59 2.85 -5.21
C ARG D 29 -11.58 2.32 -4.22
N SER D 30 -12.10 1.60 -3.25
CA SER D 30 -11.30 0.98 -2.22
C SER D 30 -11.79 -0.44 -2.06
N PRO D 31 -11.01 -1.28 -1.36
CA PRO D 31 -11.46 -2.65 -1.12
C PRO D 31 -12.25 -2.78 0.21
N ARG D 32 -12.46 -1.67 0.89
CA ARG D 32 -13.14 -1.65 2.22
C ARG D 32 -14.64 -1.41 2.03
N VAL D 33 -15.41 -1.84 3.04
CA VAL D 33 -16.80 -1.35 3.11
C VAL D 33 -16.67 0.08 3.64
N VAL D 34 -17.18 1.06 2.92
CA VAL D 34 -16.97 2.49 3.31
C VAL D 34 -18.21 3.09 4.02
N LEU D 35 -17.97 3.66 5.20
CA LEU D 35 -18.99 4.47 5.92
C LEU D 35 -18.76 5.95 5.55
N PRO D 36 -19.73 6.56 4.86
CA PRO D 36 -19.72 8.02 4.76
C PRO D 36 -20.19 8.69 6.01
N VAL D 37 -19.47 9.74 6.39
CA VAL D 37 -19.74 10.39 7.68
C VAL D 37 -20.00 11.82 7.29
N TRP D 38 -21.18 12.32 7.64
CA TRP D 38 -21.57 13.71 7.37
C TRP D 38 -21.39 14.48 8.66
N LEU D 39 -20.70 15.61 8.56
CA LEU D 39 -20.62 16.49 9.70
C LEU D 39 -21.84 17.40 9.71
N ASN D 40 -22.65 17.31 10.78
CA ASN D 40 -23.88 18.13 10.80
C ASN D 40 -23.58 19.60 11.10
N PHE D 41 -24.60 20.42 11.33
CA PHE D 41 -24.37 21.85 11.42
C PHE D 41 -23.76 22.23 12.78
N ASP D 42 -23.78 21.29 13.72
CA ASP D 42 -22.96 21.46 14.98
C ASP D 42 -21.62 20.70 14.97
N GLY D 43 -21.20 20.23 13.77
CA GLY D 43 -19.95 19.55 13.63
C GLY D 43 -19.94 18.15 14.17
N GLU D 44 -21.12 17.56 14.49
CA GLU D 44 -21.17 16.21 15.05
C GLU D 44 -21.28 15.22 13.83
N PRO D 45 -20.51 14.15 13.89
CA PRO D 45 -20.50 13.23 12.78
C PRO D 45 -21.70 12.30 12.80
N GLN D 46 -22.31 12.14 11.64
CA GLN D 46 -23.50 11.29 11.51
C GLN D 46 -23.23 10.24 10.46
N PRO D 47 -23.58 8.97 10.76
CA PRO D 47 -23.32 7.94 9.72
C PRO D 47 -24.37 7.94 8.62
N TYR D 48 -23.94 7.61 7.42
CA TYR D 48 -24.84 7.37 6.27
C TYR D 48 -24.62 5.93 5.75
N PRO D 49 -25.57 5.40 4.90
CA PRO D 49 -25.48 4.05 4.51
C PRO D 49 -24.12 3.73 3.84
N THR D 50 -23.60 2.57 4.16
CA THR D 50 -22.25 2.18 3.70
C THR D 50 -22.27 1.78 2.24
N LEU D 51 -21.07 1.84 1.62
CA LEU D 51 -20.89 1.43 0.22
C LEU D 51 -19.98 0.22 0.14
N PRO D 52 -20.44 -0.86 -0.51
CA PRO D 52 -19.57 -1.96 -0.71
C PRO D 52 -18.37 -1.59 -1.62
N PRO D 53 -17.32 -2.38 -1.51
CA PRO D 53 -16.17 -2.10 -2.37
C PRO D 53 -16.55 -2.05 -3.82
N GLY D 54 -15.99 -1.09 -4.57
CA GLY D 54 -16.17 -1.11 -5.99
C GLY D 54 -17.55 -0.71 -6.44
N THR D 55 -18.25 0.07 -5.61
CA THR D 55 -19.57 0.51 -5.98
C THR D 55 -19.68 2.02 -5.86
N GLY D 56 -20.63 2.54 -6.62
CA GLY D 56 -20.96 3.97 -6.65
C GLY D 56 -22.41 4.19 -6.28
N ARG D 57 -22.71 5.39 -5.84
CA ARG D 57 -24.05 5.71 -5.37
C ARG D 57 -24.25 7.17 -5.49
N ARG D 58 -25.38 7.55 -6.07
CA ARG D 58 -25.83 8.95 -6.08
C ARG D 58 -26.44 9.40 -4.78
N ILE D 59 -26.08 10.64 -4.39
CA ILE D 59 -26.42 11.25 -3.10
C ILE D 59 -26.99 12.62 -3.35
N HIS D 60 -28.06 12.94 -2.63
CA HIS D 60 -28.52 14.34 -2.61
C HIS D 60 -27.90 15.03 -1.45
N SER D 61 -26.94 15.91 -1.69
CA SER D 61 -26.37 16.67 -0.60
C SER D 61 -26.54 18.14 -0.92
N TYR D 62 -25.71 18.95 -0.29
CA TYR D 62 -25.89 20.43 -0.38
C TYR D 62 -24.56 21.09 -0.47
N ARG D 63 -24.52 22.30 -1.05
CA ARG D 63 -23.29 23.07 -1.14
C ARG D 63 -22.80 23.37 0.28
N GLY D 64 -21.50 23.22 0.49
CA GLY D 64 -20.89 23.58 1.77
C GLY D 64 -21.10 22.54 2.86
N HIS D 65 -21.69 21.37 2.55
CA HIS D 65 -21.75 20.33 3.58
C HIS D 65 -20.39 19.63 3.62
N LEU D 66 -20.00 19.10 4.79
CA LEU D 66 -18.71 18.35 4.92
C LEU D 66 -18.89 16.88 5.12
N TRP D 67 -18.07 16.09 4.44
CA TRP D 67 -18.14 14.65 4.53
C TRP D 67 -16.74 14.12 4.75
N LEU D 68 -16.65 13.05 5.54
CA LEU D 68 -15.42 12.22 5.52
C LEU D 68 -15.83 10.76 5.40
N PHE D 69 -14.84 9.92 5.14
CA PHE D 69 -15.13 8.51 4.88
C PHE D 69 -14.18 7.60 5.61
N ARG D 70 -14.71 6.46 6.12
CA ARG D 70 -13.91 5.58 6.96
C ARG D 70 -14.25 4.12 6.62
N ASP D 71 -13.37 3.20 6.98
CA ASP D 71 -13.74 1.79 6.88
C ASP D 71 -14.88 1.57 7.88
N ALA D 72 -16.02 1.01 7.44
CA ALA D 72 -17.20 0.97 8.32
C ALA D 72 -16.97 0.09 9.56
N GLY D 73 -16.20 -0.98 9.41
CA GLY D 73 -15.95 -1.95 10.45
C GLY D 73 -14.87 -1.57 11.46
N THR D 74 -13.86 -0.81 11.01
CA THR D 74 -12.66 -0.56 11.81
C THR D 74 -12.38 0.94 12.00
N HIS D 75 -13.09 1.78 11.27
CA HIS D 75 -12.91 3.25 11.20
C HIS D 75 -11.52 3.63 10.81
N ASP D 76 -10.81 2.73 10.10
CA ASP D 76 -9.55 3.16 9.42
C ASP D 76 -9.82 4.39 8.53
N GLY D 77 -8.85 5.32 8.47
CA GLY D 77 -8.99 6.52 7.67
C GLY D 77 -9.06 6.22 6.21
N LEU D 78 -9.91 6.94 5.52
CA LEU D 78 -9.88 6.87 4.05
C LEU D 78 -9.76 8.25 3.49
N LEU D 79 -9.45 8.35 2.19
CA LEU D 79 -9.33 9.65 1.54
C LEU D 79 -10.42 9.81 0.54
N VAL D 80 -10.75 11.08 0.22
CA VAL D 80 -11.81 11.32 -0.79
C VAL D 80 -11.23 12.42 -1.69
N ASN D 81 -11.17 12.13 -2.98
CA ASN D 81 -10.35 12.94 -3.92
C ASN D 81 -8.99 13.29 -3.32
N GLN D 82 -8.36 12.27 -2.72
CA GLN D 82 -7.00 12.33 -2.18
C GLN D 82 -6.85 13.28 -0.99
N THR D 83 -7.95 13.74 -0.42
CA THR D 83 -7.85 14.53 0.82
C THR D 83 -8.76 14.08 1.94
N GLU D 84 -8.80 14.79 3.08
CA GLU D 84 -9.52 14.23 4.22
C GLU D 84 -11.03 14.48 4.18
N LEU D 85 -11.43 15.62 3.65
CA LEU D 85 -12.80 16.12 3.73
C LEU D 85 -13.28 16.41 2.35
N PHE D 86 -14.57 16.12 2.12
CA PHE D 86 -15.19 16.40 0.83
C PHE D 86 -16.31 17.44 1.06
N VAL D 87 -16.37 18.43 0.18
CA VAL D 87 -17.40 19.50 0.28
C VAL D 87 -18.09 19.68 -1.05
N PRO D 88 -19.40 19.30 -1.15
CA PRO D 88 -20.04 19.49 -2.44
C PRO D 88 -20.06 21.01 -2.83
N SER D 89 -19.89 21.28 -4.12
CA SER D 89 -20.03 22.61 -4.70
C SER D 89 -21.32 22.63 -5.58
N LEU D 90 -21.72 23.80 -6.09
CA LEU D 90 -22.89 23.80 -6.99
C LEU D 90 -22.57 22.98 -8.24
N ASN D 91 -23.53 22.18 -8.67
CA ASN D 91 -23.39 21.39 -9.92
C ASN D 91 -23.33 22.30 -11.14
N VAL D 92 -22.35 22.13 -12.03
CA VAL D 92 -22.31 22.96 -13.23
C VAL D 92 -22.98 22.18 -14.33
N ASP D 93 -24.03 22.78 -14.93
CA ASP D 93 -24.69 22.17 -16.08
C ASP D 93 -25.15 20.74 -15.74
N GLY D 94 -25.88 20.56 -14.64
CA GLY D 94 -26.38 19.22 -14.29
C GLY D 94 -25.37 18.10 -13.98
N GLN D 95 -24.06 18.34 -14.09
CA GLN D 95 -23.03 17.28 -13.78
C GLN D 95 -22.82 17.11 -12.26
N PRO D 96 -22.99 15.90 -11.69
CA PRO D 96 -22.72 15.71 -10.25
C PRO D 96 -21.25 15.77 -9.95
N ILE D 97 -20.92 16.04 -8.69
CA ILE D 97 -19.53 16.10 -8.31
C ILE D 97 -19.19 14.66 -7.87
N PHE D 98 -18.00 14.18 -8.27
CA PHE D 98 -17.58 12.88 -7.80
C PHE D 98 -16.81 12.97 -6.51
N ALA D 99 -17.11 12.04 -5.59
CA ALA D 99 -16.32 11.89 -4.43
C ALA D 99 -15.62 10.51 -4.57
N ASN D 100 -14.39 10.52 -5.05
CA ASN D 100 -13.64 9.23 -5.29
C ASN D 100 -12.95 8.83 -4.01
N ILE D 101 -13.46 7.77 -3.41
CA ILE D 101 -12.96 7.36 -2.11
C ILE D 101 -11.88 6.28 -2.33
N THR D 102 -10.72 6.46 -1.67
CA THR D 102 -9.61 5.50 -1.87
C THR D 102 -8.92 5.26 -0.53
N LEU D 103 -8.10 4.23 -0.51
CA LEU D 103 -7.25 3.99 0.61
C LEU D 103 -6.15 5.10 0.53
N PRO D 104 -5.71 5.55 1.68
CA PRO D 104 -4.43 6.33 1.68
C PRO D 104 -3.31 5.33 1.62
N VAL D 105 -2.07 5.80 1.51
CA VAL D 105 -0.95 4.94 1.70
C VAL D 105 -0.70 4.88 3.19
N TYR D 106 -1.17 3.79 3.87
CA TYR D 106 -0.93 3.73 5.29
C TYR D 106 0.59 3.50 5.51
N THR D 107 1.11 3.88 6.67
CA THR D 107 2.43 3.33 7.04
C THR D 107 2.41 1.81 7.15
N LEU D 108 3.56 1.18 6.94
CA LEU D 108 3.57 -0.23 7.06
C LEU D 108 3.14 -0.59 8.47
N LYS D 109 3.66 0.19 9.46
CA LYS D 109 3.33 -0.12 10.87
C LYS D 109 1.78 -0.07 11.02
N GLU D 110 1.16 0.98 10.49
CA GLU D 110 -0.32 1.11 10.67
C GLU D 110 -1.08 -0.03 9.99
N ARG D 111 -0.63 -0.39 8.81
CA ARG D 111 -1.21 -1.49 8.07
C ARG D 111 -1.07 -2.80 8.87
N CYS D 112 0.11 -3.09 9.45
CA CYS D 112 0.28 -4.27 10.29
C CYS D 112 -0.63 -4.23 11.51
N LEU D 113 -0.77 -3.05 12.14
CA LEU D 113 -1.69 -2.96 13.28
C LEU D 113 -3.12 -3.26 12.80
N GLN D 114 -3.50 -2.77 11.61
CA GLN D 114 -4.83 -3.09 11.10
C GLN D 114 -5.08 -4.59 11.04
N VAL D 115 -4.12 -5.29 10.45
CA VAL D 115 -4.24 -6.73 10.24
C VAL D 115 -4.30 -7.43 11.55
N VAL D 116 -3.44 -7.03 12.51
CA VAL D 116 -3.43 -7.69 13.80
C VAL D 116 -4.77 -7.43 14.52
N ARG D 117 -5.22 -6.19 14.59
CA ARG D 117 -6.57 -5.89 15.16
C ARG D 117 -7.69 -6.75 14.52
N SER D 118 -7.56 -7.02 13.23
CA SER D 118 -8.65 -7.72 12.47
C SER D 118 -8.70 -9.19 12.91
N LEU D 119 -7.60 -9.70 13.50
CA LEU D 119 -7.39 -11.12 13.82
C LEU D 119 -7.54 -11.39 15.36
N VAL D 120 -7.34 -10.40 16.23
CA VAL D 120 -7.09 -10.67 17.62
C VAL D 120 -8.12 -9.84 18.39
N LYS D 121 -8.88 -10.52 19.24
CA LYS D 121 -9.84 -9.79 20.11
C LYS D 121 -9.00 -8.86 20.98
N PRO D 122 -9.47 -7.63 21.29
CA PRO D 122 -8.68 -6.70 22.14
C PRO D 122 -8.29 -7.22 23.48
N GLU D 123 -9.09 -8.11 24.03
CA GLU D 123 -8.72 -8.71 25.31
C GLU D 123 -7.47 -9.59 25.20
N ASN D 124 -7.12 -9.97 23.96
CA ASN D 124 -5.97 -10.84 23.78
C ASN D 124 -4.73 -10.13 23.21
N TYR D 125 -4.80 -8.81 22.97
CA TYR D 125 -3.60 -8.14 22.48
C TYR D 125 -2.37 -8.39 23.32
N ARG D 126 -2.49 -8.31 24.67
CA ARG D 126 -1.27 -8.43 25.47
C ARG D 126 -0.83 -9.89 25.68
N ARG D 127 -1.54 -10.84 25.07
CA ARG D 127 -1.02 -12.19 24.92
C ARG D 127 -0.10 -12.39 23.75
N LEU D 128 -0.02 -11.38 22.85
CA LEU D 128 0.97 -11.45 21.75
C LEU D 128 2.41 -11.29 22.15
N ASP D 129 3.24 -12.12 21.53
CA ASP D 129 4.66 -12.09 21.83
C ASP D 129 5.36 -10.97 20.99
N ILE D 130 5.08 -9.73 21.31
CA ILE D 130 5.63 -8.56 20.59
C ILE D 130 6.21 -7.52 21.52
N VAL D 131 6.99 -6.59 20.98
CA VAL D 131 7.61 -5.62 21.90
C VAL D 131 6.53 -4.80 22.61
N ARG D 132 6.76 -4.56 23.89
CA ARG D 132 5.69 -4.08 24.79
C ARG D 132 5.07 -2.74 24.34
N SER D 133 5.82 -1.80 23.73
CA SER D 133 5.22 -0.53 23.27
C SER D 133 4.08 -0.71 22.21
N LEU D 134 4.10 -1.85 21.49
CA LEU D 134 3.08 -2.15 20.53
C LEU D 134 1.68 -2.48 21.11
N TYR D 135 1.60 -2.91 22.39
CA TYR D 135 0.29 -3.13 22.95
C TYR D 135 -0.53 -1.88 22.93
N GLU D 136 0.07 -0.75 23.36
CA GLU D 136 -0.74 0.49 23.41
C GLU D 136 -1.04 0.95 21.99
N ASP D 137 -0.08 0.77 21.08
CA ASP D 137 -0.35 1.06 19.68
C ASP D 137 -1.58 0.30 19.15
N LEU D 138 -1.67 -1.00 19.48
CA LEU D 138 -2.85 -1.80 19.06
C LEU D 138 -4.16 -1.26 19.68
N GLU D 139 -4.10 -0.90 20.96
CA GLU D 139 -5.25 -0.43 21.70
C GLU D 139 -5.77 0.93 21.21
N ASP D 140 -4.88 1.76 20.68
CA ASP D 140 -5.23 3.10 20.19
C ASP D 140 -5.79 2.99 18.78
N HIS D 141 -6.98 2.38 18.69
CA HIS D 141 -7.62 2.20 17.39
C HIS D 141 -8.10 3.51 16.80
N PRO D 142 -8.30 3.55 15.47
CA PRO D 142 -8.82 4.74 14.83
C PRO D 142 -10.17 5.19 15.44
N ASN D 143 -10.37 6.52 15.46
CA ASN D 143 -11.50 7.15 16.17
C ASN D 143 -11.79 8.43 15.43
N VAL D 144 -12.99 8.54 14.89
CA VAL D 144 -13.40 9.70 14.15
C VAL D 144 -13.32 11.00 14.99
N GLN D 145 -13.76 10.92 16.27
CA GLN D 145 -13.70 12.15 17.12
C GLN D 145 -12.26 12.61 17.27
N LYS D 146 -11.33 11.69 17.52
CA LYS D 146 -9.96 12.11 17.59
C LYS D 146 -9.45 12.71 16.28
N ASP D 147 -9.85 12.11 15.15
CA ASP D 147 -9.43 12.65 13.91
C ASP D 147 -9.93 14.07 13.72
N LEU D 148 -11.24 14.29 14.05
CA LEU D 148 -11.81 15.63 13.98
C LEU D 148 -11.00 16.65 14.84
N GLU D 149 -10.63 16.27 16.08
CA GLU D 149 -9.79 17.16 16.96
C GLU D 149 -8.42 17.41 16.27
N ARG D 150 -7.82 16.35 15.76
CA ARG D 150 -6.56 16.48 15.03
C ARG D 150 -6.64 17.41 13.76
N LEU D 151 -7.66 17.19 12.96
CA LEU D 151 -7.85 17.97 11.74
C LEU D 151 -8.12 19.46 12.12
N THR D 152 -8.86 19.64 13.19
CA THR D 152 -9.15 21.01 13.73
C THR D 152 -7.85 21.73 14.12
N GLN D 153 -6.98 21.05 14.85
CA GLN D 153 -5.67 21.68 15.23
C GLN D 153 -4.83 22.02 14.01
N GLU D 154 -4.79 21.12 13.03
CA GLU D 154 -3.90 21.23 11.88
C GLU D 154 -4.33 22.41 11.07
N ARG D 155 -5.63 22.56 11.01
CA ARG D 155 -6.21 23.67 10.35
C ARG D 155 -5.77 25.02 10.98
N ILE D 156 -6.04 25.22 12.26
CA ILE D 156 -5.55 26.41 12.97
C ILE D 156 -4.09 26.79 12.62
N ALA D 157 -3.21 25.78 12.53
CA ALA D 157 -1.75 25.97 12.36
C ALA D 157 -1.29 26.26 10.94
C1 GOL E . -8.48 -5.09 5.00
O1 GOL E . -9.87 -4.80 5.22
C2 GOL E . -8.11 -6.32 5.84
O2 GOL E . -6.83 -6.80 5.48
C3 GOL E . -8.08 -6.01 7.33
O3 GOL E . -7.06 -5.04 7.60
#